data_7OR8
#
_entry.id   7OR8
#
_cell.length_a   82.550
_cell.length_b   111.558
_cell.length_c   62.346
_cell.angle_alpha   90.000
_cell.angle_beta   90.000
_cell.angle_gamma   90.000
#
_symmetry.space_group_name_H-M   'C 2 2 21'
#
loop_
_entity.id
_entity.type
_entity.pdbx_description
1 polymer '14-3-3 protein sigma'
2 polymer 'Cyclin-dependent kinase inhibitor 1B'
3 non-polymer ~{N}-[(5-carbamimidoyl-3-phenyl-thiophen-2-yl)methyl]-2,3-dihydro-1-benzofuran-5-carboxamide
4 non-polymer 'MAGNESIUM ION'
5 non-polymer 'CHLORIDE ION'
6 non-polymer 'CALCIUM ION'
7 water water
#
loop_
_entity_poly.entity_id
_entity_poly.type
_entity_poly.pdbx_seq_one_letter_code
_entity_poly.pdbx_strand_id
1 'polypeptide(L)'
;GAMGSMERASLIQKAKLAEQAERYEDMAAFMKGAVEKGEELS(CSO)EERNLLSVAYKNVVGGQRAAWRVLSSIEQKSNE
EGSEEKGPEVREYREKVETELQGVCDTVLGLLDSHLIKEAGDAESRVFYLKMKGDYYRYLAEVATGDDKKRIIDSARSAY
QEAMDISKKEMPPTNPIRLGLALNFSVFHYEIANSPEEAISLAKTTFDEAMADLHTLSEDSYKDSTLIMQLLRDNLTLWT
ADNAGEEGGEAPQEPQS
;
A
2 'polypeptide(L)' TPKKPGLRRRQ(TPO) P
#
loop_
_chem_comp.id
_chem_comp.type
_chem_comp.name
_chem_comp.formula
0AW non-polymer ~{N}-[(5-carbamimidoyl-3-phenyl-thiophen-2-yl)methyl]-2,3-dihydro-1-benzofuran-5-carboxamide 'C21 H19 N3 O2 S'
CA non-polymer 'CALCIUM ION' 'Ca 2'
CL non-polymer 'CHLORIDE ION' 'Cl -1'
MG non-polymer 'MAGNESIUM ION' 'Mg 2'
#
# COMPACT_ATOMS: atom_id res chain seq x y z
N GLY A 1 -10.64 -11.29 -20.49
CA GLY A 1 -11.79 -11.57 -19.58
C GLY A 1 -11.29 -11.87 -18.19
N ALA A 2 -12.18 -11.82 -17.19
CA ALA A 2 -13.61 -11.60 -17.41
C ALA A 2 -13.94 -10.16 -17.77
N MET A 3 -12.99 -9.24 -17.61
CA MET A 3 -13.22 -7.86 -17.99
C MET A 3 -12.69 -7.52 -19.38
N GLY A 4 -12.14 -8.51 -20.09
CA GLY A 4 -11.55 -8.27 -21.39
C GLY A 4 -12.53 -7.78 -22.46
N SER A 5 -13.82 -8.10 -22.31
CA SER A 5 -14.79 -7.63 -23.28
C SER A 5 -15.33 -6.22 -23.00
N MET A 6 -14.96 -5.59 -21.88
CA MET A 6 -15.50 -4.30 -21.54
C MET A 6 -14.53 -3.19 -21.93
N GLU A 7 -15.06 -2.09 -22.43
CA GLU A 7 -14.26 -0.93 -22.79
C GLU A 7 -13.49 -0.39 -21.58
N ARG A 8 -12.25 0.06 -21.82
CA ARG A 8 -11.47 0.67 -20.75
C ARG A 8 -12.24 1.80 -20.08
N ALA A 9 -12.86 2.68 -20.87
CA ALA A 9 -13.56 3.81 -20.27
C ALA A 9 -14.73 3.34 -19.40
N SER A 10 -15.42 2.28 -19.83
CA SER A 10 -16.52 1.73 -19.03
C SER A 10 -16.02 1.13 -17.72
N LEU A 11 -14.87 0.46 -17.75
CA LEU A 11 -14.29 -0.09 -16.53
C LEU A 11 -13.93 1.01 -15.52
N ILE A 12 -13.35 2.11 -16.00
CA ILE A 12 -13.01 3.22 -15.11
C ILE A 12 -14.27 3.83 -14.53
N GLN A 13 -15.28 4.05 -15.39
CA GLN A 13 -16.57 4.59 -14.92
C GLN A 13 -17.20 3.68 -13.87
N LYS A 14 -17.17 2.37 -14.10
CA LYS A 14 -17.73 1.44 -13.11
C LYS A 14 -16.90 1.35 -11.84
N ALA A 15 -15.58 1.49 -11.94
CA ALA A 15 -14.77 1.51 -10.72
C ALA A 15 -15.19 2.67 -9.83
N LYS A 16 -15.47 3.82 -10.44
CA LYS A 16 -15.88 5.00 -9.69
C LYS A 16 -17.27 4.79 -9.07
N LEU A 17 -18.19 4.19 -9.83
CA LEU A 17 -19.49 3.80 -9.28
C LEU A 17 -19.36 2.84 -8.10
N ALA A 18 -18.51 1.82 -8.25
CA ALA A 18 -18.32 0.84 -7.19
C ALA A 18 -17.80 1.51 -5.92
N GLU A 19 -16.87 2.45 -6.07
CA GLU A 19 -16.37 3.21 -4.92
C GLU A 19 -17.52 3.93 -4.23
N GLN A 20 -18.38 4.60 -5.00
CA GLN A 20 -19.49 5.31 -4.38
C GLN A 20 -20.43 4.36 -3.65
N ALA A 21 -20.59 3.14 -4.17
CA ALA A 21 -21.43 2.10 -3.59
C ALA A 21 -20.72 1.30 -2.52
N GLU A 22 -19.48 1.62 -2.21
CA GLU A 22 -18.65 0.87 -1.25
C GLU A 22 -18.55 -0.60 -1.60
N ARG A 23 -18.42 -0.87 -2.91
CA ARG A 23 -18.30 -2.23 -3.43
C ARG A 23 -16.85 -2.41 -3.88
N TYR A 24 -15.97 -2.60 -2.90
CA TYR A 24 -14.54 -2.52 -3.21
C TYR A 24 -14.02 -3.75 -3.94
N GLU A 25 -14.59 -4.94 -3.73
CA GLU A 25 -14.17 -6.09 -4.53
CA GLU A 25 -14.19 -6.10 -4.53
C GLU A 25 -14.48 -5.87 -6.01
N ASP A 26 -15.68 -5.34 -6.30
CA ASP A 26 -16.03 -4.96 -7.67
C ASP A 26 -15.07 -3.90 -8.20
N MET A 27 -14.81 -2.87 -7.37
CA MET A 27 -13.92 -1.80 -7.76
C MET A 27 -12.55 -2.34 -8.18
N ALA A 28 -12.02 -3.27 -7.39
CA ALA A 28 -10.71 -3.83 -7.69
C ALA A 28 -10.75 -4.64 -8.99
N ALA A 29 -11.80 -5.43 -9.19
CA ALA A 29 -11.91 -6.21 -10.41
C ALA A 29 -12.00 -5.31 -11.64
N PHE A 30 -12.75 -4.20 -11.54
CA PHE A 30 -12.81 -3.27 -12.66
C PHE A 30 -11.44 -2.62 -12.92
N MET A 31 -10.71 -2.26 -11.86
CA MET A 31 -9.40 -1.66 -12.06
C MET A 31 -8.37 -2.67 -12.57
N LYS A 32 -8.44 -3.93 -12.12
CA LYS A 32 -7.60 -4.96 -12.70
C LYS A 32 -7.83 -5.04 -14.21
N GLY A 33 -9.11 -5.04 -14.62
CA GLY A 33 -9.43 -5.07 -16.03
C GLY A 33 -8.87 -3.86 -16.77
N ALA A 34 -8.96 -2.68 -16.16
CA ALA A 34 -8.43 -1.48 -16.79
C ALA A 34 -6.92 -1.55 -16.95
N VAL A 35 -6.22 -2.00 -15.92
CA VAL A 35 -4.77 -2.16 -16.03
C VAL A 35 -4.42 -3.10 -17.18
N GLU A 36 -5.12 -4.23 -17.27
CA GLU A 36 -4.81 -5.26 -18.25
C GLU A 36 -5.07 -4.82 -19.68
N LYS A 37 -5.75 -3.69 -19.90
CA LYS A 37 -5.85 -3.10 -21.24
C LYS A 37 -4.48 -2.68 -21.78
N GLY A 38 -3.52 -2.44 -20.90
CA GLY A 38 -2.18 -2.15 -21.34
C GLY A 38 -1.82 -0.70 -21.57
N GLU A 39 -2.67 0.24 -21.18
CA GLU A 39 -2.43 1.67 -21.34
C GLU A 39 -2.12 2.34 -19.99
N GLU A 40 -1.64 3.57 -20.05
CA GLU A 40 -1.30 4.31 -18.83
C GLU A 40 -2.48 4.35 -17.88
N LEU A 41 -2.19 4.38 -16.59
CA LEU A 41 -3.14 4.85 -15.62
C LEU A 41 -2.77 6.28 -15.24
N SER A 42 -3.75 7.16 -15.31
CA SER A 42 -3.59 8.54 -14.86
C SER A 42 -3.39 8.61 -13.35
N CSO A 43 -3.04 9.78 -12.83
CA CSO A 43 -3.00 9.96 -11.38
CB CSO A 43 -2.68 11.43 -11.04
SG CSO A 43 -2.80 11.74 -9.27
C CSO A 43 -4.30 9.51 -10.71
O CSO A 43 -4.30 8.74 -9.74
OD CSO A 43 -1.35 10.81 -8.50
HB2 CSO A 43 -3.32 12.01 -11.50
HB3 CSO A 43 -1.78 11.64 -11.34
HD CSO A 43 -1.36 10.92 -7.54
N GLU A 44 -5.43 9.98 -11.22
CA GLU A 44 -6.74 9.63 -10.67
C GLU A 44 -6.96 8.10 -10.71
N GLU A 45 -6.59 7.49 -11.85
CA GLU A 45 -6.77 6.06 -12.03
C GLU A 45 -5.83 5.24 -11.13
N ARG A 46 -4.61 5.72 -10.91
CA ARG A 46 -3.73 5.06 -9.95
C ARG A 46 -4.31 5.10 -8.55
N ASN A 47 -4.87 6.25 -8.17
CA ASN A 47 -5.56 6.34 -6.90
C ASN A 47 -6.72 5.34 -6.83
N LEU A 48 -7.48 5.19 -7.91
CA LEU A 48 -8.59 4.24 -7.89
C LEU A 48 -8.09 2.82 -7.68
N LEU A 49 -7.00 2.44 -8.35
CA LEU A 49 -6.43 1.11 -8.19
C LEU A 49 -5.99 0.88 -6.75
N SER A 50 -5.27 1.85 -6.20
CA SER A 50 -4.74 1.70 -4.85
CA SER A 50 -4.73 1.74 -4.85
C SER A 50 -5.85 1.66 -3.81
N VAL A 51 -6.86 2.51 -3.94
CA VAL A 51 -7.95 2.53 -2.97
C VAL A 51 -8.71 1.22 -3.00
N ALA A 52 -8.96 0.69 -4.21
CA ALA A 52 -9.75 -0.54 -4.34
C ALA A 52 -9.06 -1.70 -3.63
N TYR A 53 -7.79 -1.93 -3.96
CA TYR A 53 -7.08 -3.05 -3.34
C TYR A 53 -6.75 -2.78 -1.88
N LYS A 54 -6.53 -1.51 -1.48
CA LYS A 54 -6.35 -1.20 -0.06
C LYS A 54 -7.54 -1.68 0.76
N ASN A 55 -8.75 -1.46 0.25
CA ASN A 55 -9.94 -1.82 1.00
C ASN A 55 -10.17 -3.32 0.99
N VAL A 56 -9.89 -3.98 -0.14
CA VAL A 56 -10.03 -5.42 -0.20
C VAL A 56 -9.07 -6.09 0.77
N VAL A 57 -7.77 -5.81 0.64
CA VAL A 57 -6.79 -6.48 1.49
CA VAL A 57 -6.78 -6.46 1.49
C VAL A 57 -6.94 -6.01 2.93
N GLY A 58 -7.46 -4.78 3.14
CA GLY A 58 -7.63 -4.30 4.50
C GLY A 58 -8.61 -5.14 5.28
N GLY A 59 -9.71 -5.51 4.66
CA GLY A 59 -10.66 -6.37 5.34
C GLY A 59 -10.11 -7.75 5.63
N GLN A 60 -9.33 -8.29 4.68
CA GLN A 60 -8.70 -9.58 4.86
C GLN A 60 -7.67 -9.54 5.98
N ARG A 61 -6.87 -8.46 6.05
CA ARG A 61 -5.85 -8.36 7.08
C ARG A 61 -6.47 -8.25 8.46
N ALA A 62 -7.51 -7.44 8.60
CA ALA A 62 -8.23 -7.32 9.85
C ALA A 62 -8.81 -8.65 10.29
N ALA A 63 -9.43 -9.38 9.34
CA ALA A 63 -9.94 -10.72 9.65
C ALA A 63 -8.82 -11.66 10.07
N TRP A 64 -7.70 -11.64 9.34
CA TRP A 64 -6.58 -12.50 9.69
C TRP A 64 -6.10 -12.22 11.11
N ARG A 65 -6.03 -10.95 11.50
CA ARG A 65 -5.50 -10.63 12.82
C ARG A 65 -6.45 -11.14 13.89
N VAL A 66 -7.76 -11.04 13.65
CA VAL A 66 -8.73 -11.58 14.60
C VAL A 66 -8.52 -13.07 14.76
N LEU A 67 -8.47 -13.80 13.63
CA LEU A 67 -8.34 -15.26 13.68
C LEU A 67 -7.00 -15.69 14.28
N SER A 68 -5.92 -14.98 13.93
CA SER A 68 -4.60 -15.30 14.46
CA SER A 68 -4.61 -15.34 14.46
C SER A 68 -4.56 -15.15 15.97
N SER A 69 -5.22 -14.11 16.48
CA SER A 69 -5.25 -13.91 17.93
CA SER A 69 -5.27 -13.91 17.92
C SER A 69 -6.04 -15.03 18.61
N ILE A 70 -7.19 -15.42 18.04
CA ILE A 70 -7.94 -16.55 18.59
C ILE A 70 -7.10 -17.82 18.55
N GLU A 71 -6.41 -18.04 17.43
CA GLU A 71 -5.56 -19.20 17.29
C GLU A 71 -4.47 -19.23 18.35
N GLN A 72 -3.82 -18.08 18.56
CA GLN A 72 -2.77 -18.00 19.57
C GLN A 72 -3.31 -18.34 20.95
N LYS A 73 -4.50 -17.83 21.29
CA LYS A 73 -5.08 -18.11 22.61
C LYS A 73 -5.38 -19.59 22.77
N SER A 74 -5.85 -20.25 21.69
CA SER A 74 -6.15 -21.66 21.71
C SER A 74 -4.92 -22.55 21.80
N ASN A 75 -3.71 -21.99 21.79
CA ASN A 75 -2.50 -22.79 21.80
C ASN A 75 -1.64 -22.57 23.05
N LYS A 82 -9.61 -27.70 20.82
CA LYS A 82 -10.73 -27.19 20.04
C LYS A 82 -10.74 -27.74 18.60
N GLY A 83 -9.75 -28.58 18.27
CA GLY A 83 -9.67 -29.17 16.96
C GLY A 83 -9.07 -28.22 15.94
N PRO A 84 -9.13 -28.59 14.67
CA PRO A 84 -8.37 -27.89 13.62
C PRO A 84 -9.08 -26.67 13.05
N GLU A 85 -10.28 -26.38 13.49
CA GLU A 85 -11.12 -25.42 12.78
C GLU A 85 -10.54 -24.02 12.78
N VAL A 86 -9.99 -23.57 13.90
CA VAL A 86 -9.47 -22.19 13.92
C VAL A 86 -8.30 -22.07 12.93
N ARG A 87 -7.35 -23.01 13.00
CA ARG A 87 -6.24 -23.01 12.07
C ARG A 87 -6.72 -23.09 10.63
N GLU A 88 -7.69 -23.97 10.36
CA GLU A 88 -8.18 -24.13 9.00
C GLU A 88 -8.74 -22.83 8.46
N TYR A 89 -9.55 -22.13 9.28
CA TYR A 89 -10.23 -20.95 8.79
C TYR A 89 -9.23 -19.79 8.65
N ARG A 90 -8.28 -19.69 9.59
CA ARG A 90 -7.20 -18.73 9.43
C ARG A 90 -6.42 -18.98 8.15
N GLU A 91 -6.11 -20.23 7.84
CA GLU A 91 -5.41 -20.55 6.61
C GLU A 91 -6.23 -20.20 5.39
N LYS A 92 -7.55 -20.36 5.46
CA LYS A 92 -8.40 -19.99 4.32
C LYS A 92 -8.31 -18.50 4.05
N VAL A 93 -8.44 -17.69 5.10
CA VAL A 93 -8.35 -16.24 4.95
C VAL A 93 -6.96 -15.86 4.49
N GLU A 94 -5.94 -16.48 5.07
CA GLU A 94 -4.56 -16.19 4.72
C GLU A 94 -4.29 -16.45 3.25
N THR A 95 -4.75 -17.60 2.76
CA THR A 95 -4.57 -17.94 1.36
C THR A 95 -5.27 -16.96 0.43
N GLU A 96 -6.48 -16.52 0.80
CA GLU A 96 -7.18 -15.54 -0.03
CA GLU A 96 -7.19 -15.53 0.00
C GLU A 96 -6.44 -14.21 -0.02
N LEU A 97 -5.94 -13.80 1.13
CA LEU A 97 -5.12 -12.58 1.23
C LEU A 97 -3.89 -12.66 0.35
N GLN A 98 -3.18 -13.78 0.43
CA GLN A 98 -1.98 -13.96 -0.38
C GLN A 98 -2.32 -13.91 -1.87
N GLY A 99 -3.49 -14.44 -2.25
CA GLY A 99 -3.89 -14.39 -3.64
C GLY A 99 -4.11 -12.98 -4.14
N VAL A 100 -4.70 -12.13 -3.30
CA VAL A 100 -4.89 -10.74 -3.68
C VAL A 100 -3.54 -10.03 -3.78
N CYS A 101 -2.65 -10.24 -2.80
CA CYS A 101 -1.31 -9.65 -2.90
C CYS A 101 -0.62 -10.11 -4.19
N ASP A 102 -0.69 -11.41 -4.51
CA ASP A 102 -0.03 -11.91 -5.73
C ASP A 102 -0.64 -11.26 -6.97
N THR A 103 -1.95 -11.06 -6.97
CA THR A 103 -2.59 -10.43 -8.10
C THR A 103 -2.07 -9.02 -8.31
N VAL A 104 -1.97 -8.25 -7.23
CA VAL A 104 -1.53 -6.86 -7.35
C VAL A 104 -0.09 -6.81 -7.80
N LEU A 105 0.77 -7.65 -7.20
CA LEU A 105 2.17 -7.67 -7.59
C LEU A 105 2.35 -8.10 -9.04
N GLY A 106 1.48 -8.98 -9.53
CA GLY A 106 1.50 -9.36 -10.94
C GLY A 106 1.13 -8.23 -11.88
N LEU A 107 0.16 -7.39 -11.49
CA LEU A 107 -0.13 -6.20 -12.28
C LEU A 107 1.06 -5.25 -12.30
N LEU A 108 1.71 -5.07 -11.14
CA LEU A 108 2.85 -4.17 -11.08
C LEU A 108 3.98 -4.68 -11.94
N ASP A 109 4.26 -5.98 -11.89
N ASP A 109 4.28 -5.98 -11.88
CA ASP A 109 5.37 -6.56 -12.64
CA ASP A 109 5.37 -6.54 -12.66
C ASP A 109 5.03 -6.77 -14.12
C ASP A 109 5.03 -6.78 -14.13
N SER A 110 3.75 -6.89 -14.46
CA SER A 110 3.32 -7.15 -15.82
C SER A 110 2.12 -6.25 -16.19
N HIS A 111 2.36 -4.98 -16.52
CA HIS A 111 3.66 -4.35 -16.77
C HIS A 111 3.64 -2.90 -16.31
N LEU A 112 2.96 -2.61 -15.20
CA LEU A 112 2.78 -1.24 -14.79
C LEU A 112 4.12 -0.55 -14.55
N ILE A 113 5.04 -1.21 -13.83
CA ILE A 113 6.26 -0.55 -13.43
C ILE A 113 7.13 -0.25 -14.64
N LYS A 114 7.39 -1.24 -15.48
CA LYS A 114 8.31 -0.99 -16.59
C LYS A 114 7.75 0.04 -17.57
N GLU A 115 6.42 0.15 -17.66
CA GLU A 115 5.79 1.11 -18.55
C GLU A 115 5.55 2.47 -17.88
N ALA A 116 5.98 2.65 -16.64
CA ALA A 116 5.76 3.91 -15.93
C ALA A 116 6.85 4.90 -16.35
N GLY A 117 6.54 5.77 -17.32
CA GLY A 117 7.55 6.63 -17.92
C GLY A 117 7.75 8.00 -17.27
N ASP A 118 7.30 8.13 -16.02
CA ASP A 118 7.26 9.33 -15.17
C ASP A 118 7.95 8.91 -13.88
N ALA A 119 8.72 9.81 -13.23
CA ALA A 119 9.09 9.54 -11.84
C ALA A 119 7.86 9.38 -10.95
N GLU A 120 6.84 10.23 -11.11
CA GLU A 120 5.71 10.15 -10.20
C GLU A 120 4.92 8.86 -10.41
N SER A 121 4.78 8.38 -11.66
CA SER A 121 4.11 7.10 -11.82
CA SER A 121 4.13 7.09 -11.87
C SER A 121 4.99 5.95 -11.32
N ARG A 122 6.29 5.99 -11.58
CA ARG A 122 7.15 4.89 -11.13
C ARG A 122 7.19 4.79 -9.61
N VAL A 123 7.29 5.93 -8.92
CA VAL A 123 7.30 5.93 -7.46
C VAL A 123 5.98 5.36 -6.91
N PHE A 124 4.86 5.74 -7.52
CA PHE A 124 3.57 5.28 -7.07
C PHE A 124 3.52 3.76 -7.09
N TYR A 125 3.97 3.16 -8.19
CA TYR A 125 3.88 1.71 -8.33
C TYR A 125 4.89 0.99 -7.45
N LEU A 126 6.10 1.53 -7.32
CA LEU A 126 7.10 0.89 -6.46
C LEU A 126 6.68 0.95 -4.98
N LYS A 127 6.02 2.03 -4.58
CA LYS A 127 5.46 2.08 -3.24
C LYS A 127 4.41 0.99 -3.06
N MET A 128 3.52 0.82 -4.05
CA MET A 128 2.54 -0.27 -3.97
C MET A 128 3.25 -1.62 -3.87
N LYS A 129 4.32 -1.84 -4.65
CA LYS A 129 5.05 -3.11 -4.60
C LYS A 129 5.59 -3.35 -3.20
N GLY A 130 6.12 -2.31 -2.57
CA GLY A 130 6.56 -2.44 -1.20
C GLY A 130 5.42 -2.80 -0.25
N ASP A 131 4.28 -2.11 -0.40
CA ASP A 131 3.12 -2.37 0.44
C ASP A 131 2.64 -3.82 0.33
N TYR A 132 2.54 -4.36 -0.88
CA TYR A 132 1.94 -5.69 -1.03
C TYR A 132 2.91 -6.79 -0.67
N TYR A 133 4.23 -6.57 -0.83
CA TYR A 133 5.19 -7.49 -0.22
C TYR A 133 5.15 -7.40 1.31
N ARG A 134 4.98 -6.20 1.87
CA ARG A 134 4.81 -6.08 3.31
C ARG A 134 3.59 -6.83 3.83
N TYR A 135 2.45 -6.76 3.12
CA TYR A 135 1.27 -7.53 3.58
C TYR A 135 1.54 -9.03 3.49
N LEU A 136 2.27 -9.48 2.48
CA LEU A 136 2.70 -10.87 2.47
C LEU A 136 3.61 -11.17 3.66
N ALA A 137 4.51 -10.24 4.00
CA ALA A 137 5.41 -10.47 5.14
C ALA A 137 4.66 -10.59 6.46
N GLU A 138 3.55 -9.87 6.61
CA GLU A 138 2.76 -9.91 7.85
C GLU A 138 2.32 -11.34 8.18
N VAL A 139 2.04 -12.15 7.17
CA VAL A 139 1.52 -13.50 7.39
C VAL A 139 2.55 -14.57 7.12
N ALA A 140 3.75 -14.19 6.70
CA ALA A 140 4.78 -15.15 6.32
C ALA A 140 5.45 -15.75 7.54
N THR A 141 5.79 -17.04 7.41
CA THR A 141 6.36 -17.86 8.46
C THR A 141 6.96 -19.09 7.78
N GLY A 142 7.92 -18.90 6.89
CA GLY A 142 8.33 -20.00 6.05
C GLY A 142 9.73 -19.74 5.53
N ASP A 143 10.18 -20.64 4.68
CA ASP A 143 11.53 -20.50 4.15
C ASP A 143 11.71 -19.27 3.28
N ASP A 144 10.68 -18.41 3.16
CA ASP A 144 10.76 -17.23 2.30
C ASP A 144 10.30 -15.94 2.99
N LYS A 145 10.02 -15.96 4.29
CA LYS A 145 9.73 -14.71 4.94
C LYS A 145 10.89 -13.74 4.77
N LYS A 146 12.12 -14.24 4.82
CA LYS A 146 13.26 -13.34 4.71
C LYS A 146 13.35 -12.75 3.32
N ARG A 147 13.09 -13.56 2.29
CA ARG A 147 13.15 -13.05 0.92
C ARG A 147 12.01 -12.08 0.67
N ILE A 148 10.84 -12.32 1.26
CA ILE A 148 9.72 -11.41 1.11
C ILE A 148 10.05 -10.06 1.74
N ILE A 149 10.62 -10.07 2.93
CA ILE A 149 11.01 -8.83 3.59
C ILE A 149 12.03 -8.07 2.76
N ASP A 150 12.98 -8.78 2.17
CA ASP A 150 13.97 -8.10 1.33
C ASP A 150 13.33 -7.52 0.08
N SER A 151 12.34 -8.21 -0.49
CA SER A 151 11.67 -7.68 -1.67
C SER A 151 10.92 -6.39 -1.35
N ALA A 152 10.26 -6.35 -0.19
CA ALA A 152 9.60 -5.12 0.24
C ALA A 152 10.60 -3.98 0.43
N ARG A 153 11.68 -4.23 1.17
CA ARG A 153 12.68 -3.19 1.41
C ARG A 153 13.23 -2.66 0.09
N SER A 154 13.55 -3.57 -0.83
CA SER A 154 14.14 -3.18 -2.11
C SER A 154 13.22 -2.27 -2.90
N ALA A 155 11.92 -2.61 -2.94
CA ALA A 155 10.96 -1.81 -3.69
C ALA A 155 10.79 -0.43 -3.05
N TYR A 156 10.61 -0.41 -1.73
CA TYR A 156 10.54 0.85 -0.99
C TYR A 156 11.79 1.70 -1.20
N GLN A 157 12.97 1.08 -1.09
CA GLN A 157 14.20 1.85 -1.19
C GLN A 157 14.34 2.51 -2.55
N GLU A 158 14.05 1.77 -3.62
CA GLU A 158 14.12 2.35 -4.95
C GLU A 158 13.12 3.49 -5.09
N ALA A 159 11.91 3.31 -4.54
CA ALA A 159 10.93 4.39 -4.58
C ALA A 159 11.45 5.60 -3.83
N MET A 160 12.06 5.39 -2.66
CA MET A 160 12.62 6.49 -1.88
C MET A 160 13.72 7.22 -2.67
N ASP A 161 14.61 6.46 -3.32
CA ASP A 161 15.71 7.06 -4.07
C ASP A 161 15.19 7.99 -5.16
N ILE A 162 14.21 7.53 -5.94
CA ILE A 162 13.64 8.33 -7.01
C ILE A 162 12.89 9.51 -6.43
N SER A 163 12.10 9.29 -5.37
CA SER A 163 11.24 10.34 -4.85
CA SER A 163 11.25 10.33 -4.83
C SER A 163 12.09 11.47 -4.28
N LYS A 164 13.22 11.15 -3.66
CA LYS A 164 14.04 12.20 -3.08
C LYS A 164 14.72 13.03 -4.16
N LYS A 165 15.02 12.42 -5.32
CA LYS A 165 15.62 13.13 -6.44
C LYS A 165 14.62 13.93 -7.27
N GLU A 166 13.38 13.45 -7.40
CA GLU A 166 12.45 13.98 -8.39
C GLU A 166 11.18 14.61 -7.85
N MET A 167 10.93 14.55 -6.56
CA MET A 167 9.69 15.06 -5.98
CA MET A 167 9.70 15.11 -6.02
C MET A 167 10.01 15.98 -4.82
N PRO A 168 9.20 17.01 -4.57
CA PRO A 168 9.45 17.87 -3.41
C PRO A 168 9.12 17.11 -2.12
N PRO A 169 9.72 17.52 -1.01
CA PRO A 169 9.52 16.76 0.25
C PRO A 169 8.12 16.83 0.80
N THR A 170 7.25 17.68 0.25
CA THR A 170 5.87 17.74 0.64
C THR A 170 4.93 16.94 -0.25
N ASN A 171 5.45 16.32 -1.32
CA ASN A 171 4.59 15.55 -2.21
C ASN A 171 3.86 14.45 -1.44
N PRO A 172 2.53 14.34 -1.57
CA PRO A 172 1.79 13.39 -0.71
C PRO A 172 2.11 11.94 -1.01
N ILE A 173 2.46 11.61 -2.24
CA ILE A 173 2.88 10.24 -2.55
C ILE A 173 4.23 9.94 -1.91
N ARG A 174 5.17 10.88 -2.00
CA ARG A 174 6.44 10.76 -1.27
C ARG A 174 6.23 10.62 0.23
N LEU A 175 5.34 11.42 0.80
CA LEU A 175 5.06 11.33 2.23
C LEU A 175 4.43 9.98 2.62
N GLY A 176 3.44 9.53 1.85
CA GLY A 176 2.81 8.26 2.16
C GLY A 176 3.76 7.10 1.99
N LEU A 177 4.70 7.21 1.04
CA LEU A 177 5.76 6.21 0.89
C LEU A 177 6.64 6.15 2.12
N ALA A 178 7.12 7.31 2.59
CA ALA A 178 7.97 7.31 3.78
C ALA A 178 7.24 6.83 5.02
N LEU A 179 5.96 7.23 5.18
CA LEU A 179 5.15 6.71 6.27
C LEU A 179 5.14 5.18 6.28
N ASN A 180 4.86 4.56 5.13
CA ASN A 180 4.74 3.11 5.08
C ASN A 180 6.10 2.42 5.21
N PHE A 181 7.16 2.97 4.61
CA PHE A 181 8.49 2.38 4.76
C PHE A 181 8.92 2.46 6.21
N SER A 182 8.52 3.52 6.91
CA SER A 182 8.83 3.64 8.33
C SER A 182 8.12 2.57 9.14
N VAL A 183 6.83 2.33 8.85
CA VAL A 183 6.11 1.24 9.52
C VAL A 183 6.72 -0.12 9.18
N PHE A 184 7.12 -0.33 7.92
CA PHE A 184 7.87 -1.53 7.57
C PHE A 184 9.06 -1.71 8.49
N HIS A 185 9.87 -0.65 8.66
CA HIS A 185 11.04 -0.77 9.52
C HIS A 185 10.65 -1.15 10.94
N TYR A 186 9.61 -0.49 11.48
CA TYR A 186 9.27 -0.68 12.87
C TYR A 186 8.77 -2.08 13.14
N GLU A 187 7.81 -2.55 12.37
CA GLU A 187 7.08 -3.75 12.76
C GLU A 187 7.33 -4.98 11.90
N ILE A 188 8.00 -4.84 10.76
CA ILE A 188 8.36 -5.98 9.93
C ILE A 188 9.85 -6.30 10.05
N ALA A 189 10.71 -5.28 9.93
CA ALA A 189 12.15 -5.48 9.90
C ALA A 189 12.81 -5.43 11.27
N ASN A 190 12.05 -5.20 12.33
CA ASN A 190 12.67 -5.08 13.66
C ASN A 190 13.77 -4.02 13.69
N SER A 191 13.44 -2.86 13.14
CA SER A 191 14.36 -1.73 13.05
C SER A 191 13.63 -0.48 13.54
N PRO A 192 13.23 -0.45 14.81
CA PRO A 192 12.45 0.70 15.29
C PRO A 192 13.22 2.01 15.23
N GLU A 193 14.54 1.98 15.39
CA GLU A 193 15.31 3.21 15.27
C GLU A 193 15.27 3.75 13.85
N GLU A 194 15.41 2.87 12.86
CA GLU A 194 15.26 3.30 11.48
C GLU A 194 13.88 3.90 11.24
N ALA A 195 12.84 3.26 11.80
CA ALA A 195 11.48 3.78 11.64
C ALA A 195 11.36 5.19 12.18
N ILE A 196 11.89 5.41 13.37
CA ILE A 196 11.81 6.72 14.01
C ILE A 196 12.61 7.75 13.24
N SER A 197 13.82 7.40 12.82
CA SER A 197 14.64 8.30 12.02
C SER A 197 13.94 8.71 10.74
N LEU A 198 13.36 7.75 10.03
CA LEU A 198 12.71 8.07 8.76
C LEU A 198 11.48 8.95 8.97
N ALA A 199 10.64 8.59 9.95
CA ALA A 199 9.43 9.37 10.16
C ALA A 199 9.78 10.81 10.57
N LYS A 200 10.82 10.97 11.39
CA LYS A 200 11.18 12.29 11.90
C LYS A 200 11.79 13.17 10.81
N THR A 201 12.78 12.67 10.07
CA THR A 201 13.34 13.45 8.98
C THR A 201 12.29 13.78 7.92
N THR A 202 11.41 12.83 7.63
CA THR A 202 10.38 13.10 6.63
C THR A 202 9.45 14.22 7.10
N PHE A 203 9.01 14.12 8.35
CA PHE A 203 8.13 15.15 8.89
C PHE A 203 8.79 16.53 8.86
N ASP A 204 10.02 16.62 9.39
CA ASP A 204 10.70 17.92 9.49
C ASP A 204 10.96 18.53 8.12
N GLU A 205 11.37 17.72 7.16
CA GLU A 205 11.65 18.25 5.83
C GLU A 205 10.37 18.68 5.11
N ALA A 206 9.25 18.01 5.37
CA ALA A 206 7.97 18.50 4.87
C ALA A 206 7.60 19.83 5.53
N MET A 207 7.70 19.92 6.86
CA MET A 207 7.34 21.18 7.52
C MET A 207 8.13 22.36 6.95
N ALA A 208 9.43 22.17 6.69
CA ALA A 208 10.28 23.24 6.20
C ALA A 208 9.92 23.68 4.80
N ASP A 209 9.19 22.85 4.06
CA ASP A 209 8.80 23.12 2.69
C ASP A 209 7.36 23.64 2.58
N LEU A 210 6.59 23.67 3.69
CA LEU A 210 5.18 24.04 3.58
C LEU A 210 5.01 25.47 3.05
N HIS A 211 5.96 26.36 3.35
CA HIS A 211 5.87 27.75 2.93
C HIS A 211 5.79 27.92 1.41
N THR A 212 6.16 26.89 0.64
CA THR A 212 6.12 26.96 -0.81
C THR A 212 4.77 26.61 -1.43
N LEU A 213 3.81 26.14 -0.64
CA LEU A 213 2.60 25.51 -1.12
C LEU A 213 1.39 26.42 -1.11
N SER A 214 0.46 26.14 -2.01
CA SER A 214 -0.88 26.70 -1.96
C SER A 214 -1.66 26.17 -0.77
N GLU A 215 -2.78 26.83 -0.50
CA GLU A 215 -3.68 26.38 0.56
C GLU A 215 -4.10 24.92 0.34
N ASP A 216 -4.37 24.53 -0.90
CA ASP A 216 -4.86 23.18 -1.14
C ASP A 216 -3.74 22.15 -0.98
N SER A 217 -2.57 22.43 -1.56
CA SER A 217 -1.43 21.53 -1.39
C SER A 217 -1.04 21.43 0.09
N TYR A 218 -1.07 22.57 0.80
CA TYR A 218 -0.80 22.56 2.24
CA TYR A 218 -0.81 22.57 2.24
C TYR A 218 -1.70 21.59 2.98
N LYS A 219 -3.00 21.59 2.67
CA LYS A 219 -3.91 20.63 3.31
CA LYS A 219 -3.91 20.63 3.31
C LYS A 219 -3.51 19.19 2.96
N ASP A 220 -3.22 18.93 1.68
CA ASP A 220 -2.80 17.60 1.27
C ASP A 220 -1.61 17.11 2.08
N SER A 221 -0.57 17.94 2.18
CA SER A 221 0.67 17.53 2.85
C SER A 221 0.46 17.40 4.35
N THR A 222 -0.24 18.35 4.97
CA THR A 222 -0.38 18.29 6.42
C THR A 222 -1.22 17.10 6.86
N LEU A 223 -2.13 16.64 6.00
CA LEU A 223 -2.89 15.42 6.31
C LEU A 223 -1.97 14.23 6.53
N ILE A 224 -0.95 14.05 5.68
CA ILE A 224 -0.06 12.90 5.86
C ILE A 224 0.94 13.19 6.98
N MET A 225 1.31 14.45 7.16
CA MET A 225 2.18 14.81 8.28
C MET A 225 1.55 14.43 9.61
N GLN A 226 0.22 14.56 9.72
CA GLN A 226 -0.46 14.17 10.95
C GLN A 226 -0.25 12.69 11.24
N LEU A 227 -0.17 11.86 10.19
CA LEU A 227 -0.01 10.44 10.42
C LEU A 227 1.42 10.11 10.85
N LEU A 228 2.40 10.80 10.27
CA LEU A 228 3.78 10.67 10.74
C LEU A 228 3.89 11.07 12.20
N ARG A 229 3.22 12.15 12.58
CA ARG A 229 3.24 12.59 13.97
C ARG A 229 2.61 11.55 14.88
N ASP A 230 1.49 10.97 14.47
CA ASP A 230 0.85 9.96 15.30
C ASP A 230 1.77 8.79 15.59
N ASN A 231 2.52 8.33 14.58
CA ASN A 231 3.43 7.22 14.78
C ASN A 231 4.61 7.60 15.68
N LEU A 232 5.22 8.75 15.43
CA LEU A 232 6.30 9.20 16.32
C LEU A 232 5.83 9.32 17.77
N THR A 233 4.60 9.80 17.97
CA THR A 233 4.03 9.91 19.32
C THR A 233 3.85 8.55 19.96
N LEU A 234 3.53 7.55 19.16
CA LEU A 234 3.43 6.18 19.65
C LEU A 234 4.79 5.59 19.98
N TRP A 235 5.82 5.95 19.21
CA TRP A 235 7.10 5.25 19.25
C TRP A 235 8.17 5.89 20.12
N THR A 236 8.02 7.16 20.48
CA THR A 236 9.03 7.85 21.25
C THR A 236 8.53 8.28 22.63
N ARG B 8 -3.52 2.85 20.60
CA ARG B 8 -3.85 3.13 19.20
C ARG B 8 -2.90 2.37 18.25
N ARG B 9 -3.44 1.94 17.11
CA ARG B 9 -2.66 1.27 16.09
C ARG B 9 -1.87 2.31 15.29
N ARG B 10 -0.62 2.01 15.00
CA ARG B 10 0.17 2.82 14.07
C ARG B 10 -0.61 3.04 12.77
N GLN B 11 -0.31 4.11 12.05
CA GLN B 11 -1.07 4.34 10.84
CA GLN B 11 -1.02 4.50 10.85
C GLN B 11 -0.25 4.19 9.57
N TPO B 12 -0.94 3.68 8.54
CA TPO B 12 -0.38 3.66 7.17
CB TPO B 12 0.01 2.23 6.73
CG2 TPO B 12 1.20 1.71 7.56
OG1 TPO B 12 -1.13 1.40 6.94
P TPO B 12 -1.11 -0.02 6.16
O1P TPO B 12 -2.64 -0.41 6.06
O2P TPO B 12 -0.36 -1.03 6.97
O3P TPO B 12 -0.49 0.12 4.70
C TPO B 12 -1.47 4.21 6.26
O TPO B 12 -1.30 4.36 5.07
OXT TPO B 12 -2.56 4.51 6.73
C10 0AW C . -7.33 13.81 -10.06
C13 0AW C . -7.71 11.07 -5.55
C17 0AW C . -6.22 11.22 -1.39
C20 0AW C . -6.26 11.33 2.45
C21 0AW C . -5.18 10.55 3.11
C24 0AW C . -4.99 9.39 -0.38
C02 0AW C . -10.62 8.46 -5.35
C04 0AW C . -9.58 9.51 -5.64
C05 0AW C . -9.50 10.22 -6.88
C06 0AW C . -8.35 11.19 -6.83
C07 0AW C . -7.97 12.13 -7.96
C08 0AW C . -8.99 12.76 -8.68
C09 0AW C . -8.67 13.60 -9.73
C11 0AW C . -6.32 13.17 -9.34
C12 0AW C . -6.64 12.32 -8.30
C14 0AW C . -6.50 11.92 -5.15
C16 0AW C . -6.65 11.90 -2.66
C18 0AW C . -6.54 11.73 -0.14
C19 0AW C . -6.08 11.04 1.01
C23 0AW C . -5.32 9.89 0.90
C25 0AW C . -5.44 10.05 -1.51
N01 0AW C . -11.70 8.25 -6.30
N03 0AW C . -10.54 7.83 -4.26
N15 0AW C . -6.14 11.35 -3.88
O22 0AW C . -4.98 9.42 2.25
O26 0AW C . -7.35 12.86 -2.67
S27 0AW C . -8.42 9.95 -4.58
H101 0AW C . -7.11 14.37 -10.77
H202 0AW C . -7.12 11.00 2.75
H201 0AW C . -6.13 12.28 2.62
H212 0AW C . -5.46 10.26 3.99
H211 0AW C . -4.36 11.09 3.14
H241 0AW C . -4.47 8.62 -0.46
H051 0AW C . -10.07 10.10 -7.60
H081 0AW C . -9.87 12.62 -8.44
H091 0AW C . -9.34 14.04 -10.20
H111 0AW C . -5.43 13.32 -9.57
H121 0AW C . -5.97 11.88 -7.83
H141 0AW C . -6.74 12.85 -5.06
H142 0AW C . -5.78 11.83 -5.79
H181 0AW C . -7.06 12.49 -0.06
H251 0AW C . -5.23 9.72 -2.36
H011 0AW C . -12.29 7.64 -6.14
H031 0AW C . -11.14 7.21 -4.07
H151 0AW C . -5.60 10.68 -3.85
H1 0AW C . -11.74 8.71 -7.01
C10 0AW D . -4.47 15.66 -12.12
C13 0AW D . -2.68 15.62 -7.01
C17 0AW D . -3.17 12.71 -3.97
C20 0AW D . -3.77 14.20 -0.41
C21 0AW D . -3.39 13.38 0.79
C24 0AW D . -2.55 11.23 -2.12
C02 0AW D . 1.07 16.92 -6.80
C04 0AW D . -0.34 16.46 -7.11
C05 0AW D . -0.90 16.47 -8.42
C06 0AW D . -2.32 15.94 -8.39
C07 0AW D . -3.13 15.85 -9.70
C08 0AW D . -4.38 16.41 -9.84
C09 0AW D . -5.06 16.31 -11.05
C11 0AW D . -3.21 15.10 -12.00
C12 0AW D . -2.53 15.21 -10.78
C14 0AW D . -3.96 15.03 -6.42
C16 0AW D . -3.24 12.69 -5.53
C18 0AW D . -3.58 13.68 -3.03
C19 0AW D . -3.45 13.40 -1.63
C23 0AW D . -2.94 12.19 -1.18
C25 0AW D . -2.68 11.49 -3.47
N01 0AW D . 1.40 17.28 -5.43
N03 0AW D . 1.92 16.99 -7.73
N15 0AW D . -3.63 13.63 -6.56
O22 0AW D . -2.88 12.12 0.29
O26 0AW D . -3.01 11.64 -6.00
S27 0AW D . -1.42 15.89 -6.02
H101 0AW D . -4.93 15.60 -12.93
H202 0AW D . -3.24 15.02 -0.42
H201 0AW D . -4.73 14.37 -0.38
H212 0AW D . -4.18 13.22 1.33
H211 0AW D . -2.68 13.84 1.27
H241 0AW D . -2.20 10.42 -1.83
H051 0AW D . -0.45 16.76 -9.19
H081 0AW D . -4.78 16.86 -9.12
H091 0AW D . -5.91 16.68 -11.14
H111 0AW D . -2.83 14.66 -12.72
H121 0AW D . -1.68 14.86 -10.70
H141 0AW D . -4.75 15.27 -6.93
H142 0AW D . -4.09 15.29 -5.49
H181 0AW D . -3.93 14.48 -3.32
H251 0AW D . -2.44 10.83 -4.09
H011 0AW D . 2.19 17.54 -5.24
H031 0AW D . 2.74 17.27 -7.56
H151 0AW D . -3.66 13.32 -7.35
H1 0AW D . 0.80 17.23 -4.82
C10 0AW E . 13.09 13.32 26.24
C13 0AW E . 11.76 12.94 21.08
C17 0AW E . 8.61 14.53 18.33
C20 0AW E . 7.51 15.52 14.81
C21 0AW E . 6.17 15.04 14.37
C24 0AW E . 6.40 13.72 17.85
C02 0AW E . 13.84 10.26 19.09
C04 0AW E . 13.12 11.19 20.03
C05 0AW E . 13.45 11.26 21.42
C06 0AW E . 12.60 12.33 22.08
C07 0AW E . 12.72 12.67 23.56
C08 0AW E . 14.00 12.97 24.05
C09 0AW E . 14.19 13.29 25.39
C11 0AW E . 11.82 13.04 25.75
C12 0AW E . 11.64 12.72 24.41
C14 0AW E . 10.80 14.07 21.40
C16 0AW E . 9.78 14.68 19.24
C18 0AW E . 8.71 15.12 17.07
C19 0AW E . 7.65 14.99 16.19
C23 0AW E . 6.51 14.30 16.57
C25 0AW E . 7.46 13.83 18.73
N01 0AW E . 14.16 8.93 19.51
N03 0AW E . 14.19 10.73 17.98
N15 0AW E . 9.69 13.97 20.48
O22 0AW E . 5.56 14.35 15.47
O26 0AW E . 10.72 15.36 18.97
S27 0AW E . 12.01 12.31 19.60
H101 0AW E . 13.20 13.53 27.14
H202 0AW E . 7.51 16.49 14.83
H201 0AW E . 8.19 15.14 14.24
H212 0AW E . 5.63 15.81 14.14
H211 0AW E . 6.29 14.43 13.63
H241 0AW E . 5.62 13.26 18.10
H051 0AW E . 14.09 10.74 21.84
H081 0AW E . 14.72 12.94 23.48
H091 0AW E . 15.03 13.50 25.71
H111 0AW E . 11.08 13.07 26.32
H121 0AW E . 10.79 12.54 24.09
H141 0AW E . 11.25 14.93 21.29
H142 0AW E . 10.47 13.99 22.31
H181 0AW E . 9.47 15.58 16.83
H251 0AW E . 7.43 13.44 19.57
H011 0AW E . 13.90 8.65 20.28
H031 0AW E . 14.61 10.21 17.39
H151 0AW E . 9.00 13.51 20.67
H1 0AW E . 14.61 8.41 18.99
MG MG F . -11.35 -0.41 -26.87
CL CL G . -12.17 -23.21 6.40
MG MG H . -0.50 -20.63 4.84
CA CA I . 17.43 6.52 19.83
#